data_1ZAO
#
_entry.id   1ZAO
#
_cell.length_a   116.862
_cell.length_b   44.365
_cell.length_c   62.793
_cell.angle_alpha   90.00
_cell.angle_beta   94.01
_cell.angle_gamma   90.00
#
_symmetry.space_group_name_H-M   'C 1 2 1'
#
loop_
_entity.id
_entity.type
_entity.pdbx_description
1 polymer 'Rio2 serine kinase'
2 non-polymer 'MANGANESE (II) ION'
3 non-polymer 'PHOSPHATE ION'
4 non-polymer "ADENOSINE-5'-TRIPHOSPHATE"
5 non-polymer 1,2-ETHANEDIOL
6 water water
#
_entity_poly.entity_id   1
_entity_poly.type   'polypeptide(L)'
_entity_poly.pdbx_seq_one_letter_code
;MNIAELYGKMGKHSWRIMDAIFKNLWDYEYVPLQLISSHARIGEEKARNILKYLSDLRVVQNRQKDYEGSTFTFIGLSLY
SLHRLVRSGKVDAIGKLMGEGKESAVFNCYSEKFGECVVKFHKVGHTSFKKVKEKRDYGDLHFSVLAIRSARNEFRALQK
LQGLAVPKVYAWEGNAVLMELIDAKELYRVRVENPDEVLDMILEEVAKFYHRGIVHGDLSQYNVLVSEEGIWIIDFPQSV
EVGEEGWREILERDVRNIITYFSRTYRTEKDINSAIDRILQE
;
_entity_poly.pdbx_strand_id   A
#
loop_
_chem_comp.id
_chem_comp.type
_chem_comp.name
_chem_comp.formula
ATP non-polymer ADENOSINE-5'-TRIPHOSPHATE 'C10 H16 N5 O13 P3'
EDO non-polymer 1,2-ETHANEDIOL 'C2 H6 O2'
MN non-polymer 'MANGANESE (II) ION' 'Mn 2'
PO4 non-polymer 'PHOSPHATE ION' 'O4 P -3'
#
# COMPACT_ATOMS: atom_id res chain seq x y z
N MET A 1 3.18 -15.70 -14.35
CA MET A 1 2.25 -16.72 -13.78
C MET A 1 1.20 -15.99 -12.94
N ASN A 2 0.07 -16.63 -12.63
CA ASN A 2 -0.81 -16.07 -11.63
C ASN A 2 -0.30 -16.38 -10.22
N ILE A 3 -0.63 -15.48 -9.30
CA ILE A 3 -0.01 -15.43 -7.98
C ILE A 3 -0.25 -16.71 -7.16
N ALA A 4 -1.44 -17.28 -7.28
CA ALA A 4 -1.77 -18.53 -6.56
C ALA A 4 -0.95 -19.72 -7.05
N GLU A 5 -0.77 -19.80 -8.37
CA GLU A 5 0.04 -20.82 -9.01
C GLU A 5 1.51 -20.67 -8.65
N LEU A 6 1.97 -19.45 -8.67
CA LEU A 6 3.32 -19.16 -8.25
C LEU A 6 3.61 -19.62 -6.82
N TYR A 7 2.69 -19.30 -5.92
CA TYR A 7 2.76 -19.70 -4.51
C TYR A 7 2.93 -21.22 -4.34
N GLY A 8 2.14 -21.98 -5.10
CA GLY A 8 2.14 -23.45 -5.04
C GLY A 8 3.44 -24.10 -5.51
N LYS A 9 4.26 -23.36 -6.24
CA LYS A 9 5.56 -23.85 -6.70
C LYS A 9 6.67 -23.72 -5.66
N MET A 10 6.38 -23.02 -4.57
CA MET A 10 7.36 -22.74 -3.56
C MET A 10 7.44 -23.84 -2.53
N GLY A 11 8.67 -24.34 -2.31
CA GLY A 11 8.94 -25.32 -1.28
C GLY A 11 9.48 -24.63 -0.05
N LYS A 12 9.72 -25.40 1.01
CA LYS A 12 10.23 -24.81 2.25
C LYS A 12 11.62 -24.15 2.08
N HIS A 13 12.49 -24.71 1.25
CA HIS A 13 13.81 -24.12 1.01
C HIS A 13 13.68 -22.80 0.27
N SER A 14 12.72 -22.73 -0.64
CA SER A 14 12.44 -21.48 -1.37
C SER A 14 12.07 -20.35 -0.44
N TRP A 15 11.16 -20.65 0.50
CA TRP A 15 10.75 -19.63 1.50
C TRP A 15 11.90 -19.20 2.40
N ARG A 16 12.73 -20.16 2.79
CA ARG A 16 13.93 -19.86 3.59
C ARG A 16 14.91 -18.92 2.86
N ILE A 17 15.09 -19.15 1.56
CA ILE A 17 15.94 -18.29 0.74
C ILE A 17 15.32 -16.87 0.71
N MET A 18 14.01 -16.80 0.53
CA MET A 18 13.33 -15.49 0.48
C MET A 18 13.40 -14.74 1.81
N ASP A 19 13.28 -15.48 2.91
CA ASP A 19 13.44 -14.96 4.29
C ASP A 19 14.80 -14.28 4.43
N ALA A 20 15.81 -14.99 3.94
CA ALA A 20 17.19 -14.54 4.01
C ALA A 20 17.41 -13.23 3.25
N ILE A 21 16.82 -13.11 2.06
CA ILE A 21 16.89 -11.86 1.35
C ILE A 21 16.19 -10.76 2.18
N PHE A 22 14.95 -11.04 2.58
CA PHE A 22 14.11 -10.03 3.23
C PHE A 22 14.81 -9.41 4.45
N LYS A 23 15.45 -10.26 5.24
CA LYS A 23 16.03 -9.87 6.53
C LYS A 23 17.33 -9.08 6.38
N ASN A 24 17.81 -9.00 5.15
CA ASN A 24 19.05 -8.26 4.85
C ASN A 24 18.85 -7.08 3.91
N LEU A 25 17.59 -6.76 3.63
CA LEU A 25 17.26 -5.67 2.71
C LEU A 25 17.63 -4.31 3.27
N TRP A 26 17.75 -4.23 4.59
CA TRP A 26 18.03 -2.95 5.23
C TRP A 26 19.51 -2.56 5.03
N ASP A 27 20.33 -3.55 4.68
CA ASP A 27 21.79 -3.39 4.54
C ASP A 27 22.25 -3.36 3.10
N TYR A 28 21.53 -4.08 2.24
CA TYR A 28 21.93 -4.22 0.85
C TYR A 28 20.68 -4.16 -0.01
N GLU A 29 20.77 -3.56 -1.19
CA GLU A 29 19.68 -3.75 -2.15
C GLU A 29 19.82 -5.15 -2.76
N TYR A 30 21.03 -5.51 -3.16
CA TYR A 30 21.29 -6.88 -3.63
C TYR A 30 22.05 -7.61 -2.56
N VAL A 31 21.36 -8.52 -1.87
CA VAL A 31 21.94 -9.27 -0.77
C VAL A 31 22.98 -10.28 -1.33
N PRO A 32 24.20 -10.26 -0.80
CA PRO A 32 25.22 -11.15 -1.33
C PRO A 32 24.85 -12.62 -1.09
N LEU A 33 25.16 -13.46 -2.07
CA LEU A 33 24.92 -14.91 -1.98
C LEU A 33 25.43 -15.53 -0.67
N GLN A 34 26.65 -15.17 -0.25
CA GLN A 34 27.21 -15.70 1.00
C GLN A 34 26.28 -15.51 2.20
N LEU A 35 25.66 -14.33 2.29
CA LEU A 35 24.74 -13.96 3.37
C LEU A 35 23.41 -14.67 3.26
N ILE A 36 22.90 -14.80 2.03
CA ILE A 36 21.68 -15.57 1.79
C ILE A 36 21.89 -16.99 2.31
N SER A 37 22.98 -17.61 1.87
CA SER A 37 23.39 -18.97 2.29
C SER A 37 23.50 -19.12 3.80
N SER A 38 24.31 -18.29 4.44
CA SER A 38 24.51 -18.40 5.89
C SER A 38 23.20 -18.17 6.67
N HIS A 39 22.42 -17.15 6.29
CA HIS A 39 21.16 -16.90 6.99
C HIS A 39 20.19 -18.05 6.84
N ALA A 40 20.06 -18.58 5.63
CA ALA A 40 19.12 -19.66 5.34
C ALA A 40 19.61 -21.02 5.87
N ARG A 41 20.89 -21.07 6.24
CA ARG A 41 21.56 -22.35 6.58
C ARG A 41 21.41 -23.35 5.42
N ILE A 42 21.70 -22.86 4.21
CA ILE A 42 21.67 -23.69 2.99
C ILE A 42 23.01 -23.48 2.29
N GLY A 43 23.68 -24.58 1.91
CA GLY A 43 24.98 -24.50 1.23
C GLY A 43 24.95 -23.58 0.02
N GLU A 44 26.07 -22.94 -0.28
CA GLU A 44 26.09 -21.89 -1.31
C GLU A 44 25.71 -22.38 -2.71
N GLU A 45 26.18 -23.57 -3.08
CA GLU A 45 25.83 -24.12 -4.39
C GLU A 45 24.31 -24.36 -4.50
N LYS A 46 23.71 -24.94 -3.46
CA LYS A 46 22.26 -25.16 -3.43
C LYS A 46 21.49 -23.84 -3.43
N ALA A 47 21.98 -22.88 -2.64
CA ALA A 47 21.37 -21.55 -2.54
C ALA A 47 21.36 -20.88 -3.90
N ARG A 48 22.48 -20.99 -4.62
CA ARG A 48 22.59 -20.41 -5.95
C ARG A 48 21.59 -21.05 -6.93
N ASN A 49 21.49 -22.37 -6.86
CA ASN A 49 20.52 -23.12 -7.67
C ASN A 49 19.06 -22.66 -7.41
N ILE A 50 18.69 -22.53 -6.13
CA ILE A 50 17.34 -22.03 -5.78
C ILE A 50 17.11 -20.61 -6.36
N LEU A 51 18.08 -19.72 -6.18
CA LEU A 51 17.99 -18.35 -6.68
C LEU A 51 17.86 -18.29 -8.20
N LYS A 52 18.56 -19.18 -8.91
CA LYS A 52 18.37 -19.29 -10.38
C LYS A 52 16.96 -19.64 -10.76
N TYR A 53 16.39 -20.60 -10.05
CA TYR A 53 15.04 -21.06 -10.35
C TYR A 53 14.03 -19.95 -10.00
N LEU A 54 14.26 -19.29 -8.86
CA LEU A 54 13.39 -18.16 -8.49
C LEU A 54 13.47 -17.03 -9.51
N SER A 55 14.64 -16.80 -10.10
CA SER A 55 14.73 -15.80 -11.16
C SER A 55 13.92 -16.21 -12.40
N ASP A 56 13.94 -17.51 -12.72
CA ASP A 56 13.20 -18.05 -13.87
C ASP A 56 11.70 -17.82 -13.68
N LEU A 57 11.25 -17.90 -12.44
CA LEU A 57 9.87 -17.67 -12.05
C LEU A 57 9.53 -16.18 -11.77
N ARG A 58 10.52 -15.30 -11.97
CA ARG A 58 10.38 -13.84 -11.87
C ARG A 58 10.11 -13.35 -10.42
N VAL A 59 10.58 -14.13 -9.45
CA VAL A 59 10.43 -13.86 -8.03
C VAL A 59 11.63 -13.07 -7.50
N VAL A 60 12.82 -13.37 -8.02
CA VAL A 60 13.99 -12.59 -7.64
C VAL A 60 14.71 -12.07 -8.88
N GLN A 61 15.53 -11.03 -8.70
CA GLN A 61 16.44 -10.56 -9.73
C GLN A 61 17.85 -10.81 -9.21
N ASN A 62 18.65 -11.52 -9.99
CA ASN A 62 20.05 -11.77 -9.61
C ASN A 62 20.97 -10.86 -10.42
N ARG A 63 21.97 -10.28 -9.76
CA ARG A 63 22.98 -9.51 -10.49
C ARG A 63 24.39 -10.02 -10.15
N GLN A 64 25.33 -9.78 -11.07
CA GLN A 64 26.71 -10.33 -10.97
C GLN A 64 27.82 -9.29 -11.19
N LYS A 65 27.42 -8.08 -11.59
CA LYS A 65 28.36 -7.01 -11.95
C LYS A 65 29.51 -6.87 -10.95
N ASP A 66 29.20 -6.46 -9.73
CA ASP A 66 30.23 -6.30 -8.70
C ASP A 66 30.40 -7.53 -7.81
N TYR A 67 29.29 -8.24 -7.58
CA TYR A 67 29.29 -9.48 -6.79
C TYR A 67 28.00 -10.25 -7.09
N GLU A 68 27.95 -11.52 -6.67
CA GLU A 68 26.74 -12.33 -6.81
C GLU A 68 25.72 -11.90 -5.75
N GLY A 69 24.70 -11.15 -6.15
CA GLY A 69 23.68 -10.73 -5.18
C GLY A 69 22.29 -10.86 -5.72
N SER A 70 21.30 -10.83 -4.80
CA SER A 70 19.90 -11.03 -5.19
C SER A 70 18.96 -10.08 -4.46
N THR A 71 17.90 -9.69 -5.15
CA THR A 71 16.84 -8.93 -4.54
C THR A 71 15.47 -9.41 -5.06
N PHE A 72 14.39 -8.95 -4.42
CA PHE A 72 13.05 -9.27 -4.88
C PHE A 72 12.68 -8.48 -6.12
N THR A 73 11.86 -9.10 -6.97
CA THR A 73 11.11 -8.33 -7.96
C THR A 73 9.83 -7.88 -7.23
N PHE A 74 9.01 -7.07 -7.87
CA PHE A 74 7.71 -6.70 -7.23
C PHE A 74 6.89 -7.95 -6.96
N ILE A 75 6.81 -8.83 -7.96
CA ILE A 75 6.06 -10.11 -7.85
C ILE A 75 6.58 -10.92 -6.67
N GLY A 76 7.91 -10.98 -6.54
CA GLY A 76 8.56 -11.77 -5.50
C GLY A 76 8.29 -11.21 -4.11
N LEU A 77 8.38 -9.90 -4.00
CA LEU A 77 8.17 -9.27 -2.69
C LEU A 77 6.72 -9.46 -2.25
N SER A 78 5.81 -9.35 -3.22
CA SER A 78 4.38 -9.54 -2.97
C SER A 78 4.09 -10.99 -2.53
N LEU A 79 4.70 -11.93 -3.25
CA LEU A 79 4.59 -13.34 -2.91
C LEU A 79 5.08 -13.65 -1.50
N TYR A 80 6.25 -13.13 -1.16
CA TYR A 80 6.80 -13.31 0.16
C TYR A 80 5.92 -12.67 1.23
N SER A 81 5.40 -11.47 0.94
CA SER A 81 4.53 -10.77 1.88
C SER A 81 3.22 -11.54 2.08
N LEU A 82 2.66 -12.05 0.99
CA LEU A 82 1.49 -12.93 1.07
C LEU A 82 1.79 -14.15 1.96
N HIS A 83 2.96 -14.75 1.76
CA HIS A 83 3.36 -15.92 2.59
C HIS A 83 3.37 -15.57 4.08
N ARG A 84 3.86 -14.39 4.43
CA ARG A 84 3.84 -13.93 5.82
C ARG A 84 2.41 -13.78 6.34
N LEU A 85 1.51 -13.27 5.49
CA LEU A 85 0.10 -13.11 5.88
C LEU A 85 -0.58 -14.47 6.08
N VAL A 86 -0.26 -15.41 5.20
CA VAL A 86 -0.82 -16.79 5.30
C VAL A 86 -0.26 -17.45 6.57
N ARG A 87 1.05 -17.33 6.78
CA ARG A 87 1.68 -17.96 7.93
C ARG A 87 1.21 -17.40 9.25
N SER A 88 0.81 -16.13 9.25
CA SER A 88 0.29 -15.52 10.46
C SER A 88 -1.20 -15.85 10.61
N GLY A 89 -1.75 -16.60 9.65
CA GLY A 89 -3.15 -17.01 9.72
C GLY A 89 -4.15 -15.92 9.39
N LYS A 90 -3.68 -14.82 8.82
CA LYS A 90 -4.59 -13.68 8.55
C LYS A 90 -5.27 -13.78 7.19
N VAL A 91 -4.66 -14.57 6.32
CA VAL A 91 -5.15 -14.82 4.98
C VAL A 91 -5.16 -16.32 4.75
N ASP A 92 -6.23 -16.80 4.16
CA ASP A 92 -6.32 -18.22 3.84
C ASP A 92 -6.11 -18.49 2.36
N ALA A 93 -6.70 -17.69 1.50
CA ALA A 93 -6.56 -17.90 0.06
C ALA A 93 -6.43 -16.57 -0.63
N ILE A 94 -5.42 -16.42 -1.50
CA ILE A 94 -5.42 -15.24 -2.41
C ILE A 94 -6.47 -15.49 -3.49
N GLY A 95 -7.17 -14.43 -3.91
CA GLY A 95 -8.15 -14.57 -4.97
C GLY A 95 -7.77 -13.72 -6.18
N LYS A 96 -8.77 -13.26 -6.90
CA LYS A 96 -8.56 -12.64 -8.18
C LYS A 96 -7.98 -11.24 -8.04
N LEU A 97 -7.19 -10.85 -9.03
CA LEU A 97 -6.70 -9.50 -9.15
C LEU A 97 -7.88 -8.56 -9.37
N MET A 98 -7.95 -7.49 -8.57
CA MET A 98 -9.00 -6.51 -8.73
C MET A 98 -8.56 -5.46 -9.73
N GLY A 99 -7.28 -5.06 -9.64
CA GLY A 99 -6.74 -4.05 -10.52
C GLY A 99 -5.29 -3.78 -10.17
N GLU A 100 -4.56 -3.30 -11.17
CA GLU A 100 -3.13 -3.02 -11.05
C GLU A 100 -2.79 -1.76 -11.84
N GLY A 101 -1.97 -0.90 -11.25
CA GLY A 101 -1.43 0.27 -11.96
C GLY A 101 0.04 0.44 -11.68
N LYS A 102 0.54 1.65 -11.88
CA LYS A 102 1.97 1.91 -11.69
C LYS A 102 2.36 1.89 -10.21
N GLU A 103 1.38 2.01 -9.32
CA GLU A 103 1.69 2.10 -7.90
C GLU A 103 1.44 0.87 -7.03
N SER A 104 0.47 0.04 -7.41
CA SER A 104 0.07 -1.09 -6.56
C SER A 104 -0.59 -2.16 -7.40
N ALA A 105 -0.73 -3.33 -6.80
CA ALA A 105 -1.65 -4.34 -7.33
C ALA A 105 -2.56 -4.71 -6.17
N VAL A 106 -3.87 -4.68 -6.40
CA VAL A 106 -4.86 -4.94 -5.36
C VAL A 106 -5.60 -6.24 -5.71
N PHE A 107 -5.57 -7.21 -4.78
CA PHE A 107 -6.15 -8.53 -5.00
C PHE A 107 -7.30 -8.72 -4.02
N ASN A 108 -8.32 -9.43 -4.48
CA ASN A 108 -9.33 -9.96 -3.57
C ASN A 108 -8.70 -11.09 -2.75
N CYS A 109 -9.12 -11.26 -1.52
CA CYS A 109 -8.74 -12.47 -0.79
C CYS A 109 -9.77 -12.84 0.25
N TYR A 110 -9.66 -14.06 0.74
CA TYR A 110 -10.55 -14.51 1.79
C TYR A 110 -9.79 -14.86 3.08
N SER A 111 -10.36 -14.41 4.19
CA SER A 111 -9.80 -14.68 5.51
C SER A 111 -10.92 -15.28 6.36
N GLU A 112 -10.64 -16.39 7.04
CA GLU A 112 -11.65 -16.96 7.96
C GLU A 112 -11.99 -15.97 9.06
N LYS A 113 -10.98 -15.27 9.58
CA LYS A 113 -11.18 -14.23 10.59
C LYS A 113 -11.83 -12.93 10.09
N PHE A 114 -11.39 -12.45 8.93
CA PHE A 114 -11.79 -11.11 8.50
C PHE A 114 -12.83 -11.06 7.39
N GLY A 115 -13.13 -12.22 6.82
CA GLY A 115 -14.11 -12.27 5.72
C GLY A 115 -13.45 -12.03 4.37
N GLU A 116 -14.27 -11.67 3.38
CA GLU A 116 -13.74 -11.38 2.07
C GLU A 116 -13.11 -9.96 2.13
N CYS A 117 -11.80 -9.85 1.85
CA CYS A 117 -11.02 -8.63 2.02
C CYS A 117 -10.34 -8.23 0.73
N VAL A 118 -9.51 -7.18 0.84
CA VAL A 118 -8.48 -6.95 -0.17
C VAL A 118 -7.09 -6.91 0.43
N VAL A 119 -6.11 -7.35 -0.36
CA VAL A 119 -4.71 -7.18 -0.02
C VAL A 119 -4.11 -6.32 -1.12
N LYS A 120 -3.49 -5.24 -0.71
CA LYS A 120 -2.86 -4.31 -1.63
C LYS A 120 -1.34 -4.43 -1.49
N PHE A 121 -0.71 -4.73 -2.62
CA PHE A 121 0.75 -4.88 -2.68
C PHE A 121 1.32 -3.59 -3.24
N HIS A 122 2.20 -2.98 -2.47
CA HIS A 122 2.81 -1.69 -2.79
C HIS A 122 3.97 -1.88 -3.77
N LYS A 123 3.94 -1.14 -4.88
CA LYS A 123 4.99 -1.20 -5.91
C LYS A 123 6.08 -0.18 -5.67
N VAL A 124 5.69 0.97 -5.13
CA VAL A 124 6.57 2.13 -5.10
C VAL A 124 6.65 2.72 -3.71
N GLY A 125 7.71 3.48 -3.51
CA GLY A 125 7.89 4.31 -2.32
C GLY A 125 7.02 5.54 -2.46
N HIS A 126 6.71 6.16 -1.32
CA HIS A 126 6.02 7.44 -1.31
C HIS A 126 6.73 8.38 -0.34
N THR A 127 8.05 8.54 -0.50
CA THR A 127 8.88 9.36 0.41
C THR A 127 8.45 10.83 0.44
N LYS A 131 18.40 13.99 2.01
CA LYS A 131 17.69 13.77 0.75
C LYS A 131 18.35 14.45 -0.44
N VAL A 132 18.56 13.66 -1.49
CA VAL A 132 19.11 14.12 -2.74
C VAL A 132 18.03 13.83 -3.79
N LYS A 133 17.56 14.88 -4.46
CA LYS A 133 16.55 14.73 -5.50
C LYS A 133 17.21 14.45 -6.84
N GLU A 134 17.07 13.22 -7.34
CA GLU A 134 17.73 12.87 -8.60
C GLU A 134 16.78 12.99 -9.80
N PHE A 143 11.44 -1.17 -5.75
CA PHE A 143 12.53 -1.11 -4.77
C PHE A 143 11.99 -1.45 -3.37
N SER A 144 12.57 -2.49 -2.77
CA SER A 144 11.89 -3.22 -1.69
C SER A 144 11.71 -2.41 -0.41
N VAL A 145 12.78 -1.82 0.11
CA VAL A 145 12.63 -1.14 1.40
C VAL A 145 11.65 0.02 1.33
N LEU A 146 11.59 0.69 0.18
CA LEU A 146 10.65 1.81 -0.01
C LEU A 146 9.19 1.33 -0.17
N ALA A 147 8.97 0.24 -0.90
CA ALA A 147 7.64 -0.37 -0.98
C ALA A 147 7.18 -0.83 0.37
N ILE A 148 8.10 -1.41 1.16
CA ILE A 148 7.75 -1.89 2.49
C ILE A 148 7.39 -0.70 3.39
N ARG A 149 8.17 0.38 3.31
CA ARG A 149 7.88 1.60 4.08
C ARG A 149 6.52 2.20 3.73
N SER A 150 6.15 2.16 2.45
CA SER A 150 4.81 2.61 2.00
C SER A 150 3.70 1.80 2.65
N ALA A 151 3.87 0.48 2.65
CA ALA A 151 2.88 -0.41 3.26
C ALA A 151 2.75 -0.13 4.76
N ARG A 152 3.88 0.04 5.44
CA ARG A 152 3.87 0.24 6.90
C ARG A 152 3.20 1.56 7.23
N ASN A 153 3.53 2.61 6.48
CA ASN A 153 2.95 3.91 6.73
C ASN A 153 1.44 3.90 6.51
N GLU A 154 0.99 3.26 5.41
CA GLU A 154 -0.44 3.12 5.15
C GLU A 154 -1.15 2.37 6.27
N PHE A 155 -0.54 1.28 6.73
CA PHE A 155 -1.09 0.52 7.84
C PHE A 155 -1.22 1.40 9.10
N ARG A 156 -0.18 2.15 9.44
CA ARG A 156 -0.20 2.95 10.67
C ARG A 156 -1.26 4.06 10.57
N ALA A 157 -1.36 4.69 9.41
CA ALA A 157 -2.40 5.71 9.16
C ALA A 157 -3.80 5.10 9.33
N LEU A 158 -4.04 3.95 8.72
CA LEU A 158 -5.35 3.33 8.83
C LEU A 158 -5.68 2.96 10.26
N GLN A 159 -4.70 2.45 11.00
CA GLN A 159 -4.90 2.15 12.43
C GLN A 159 -5.36 3.41 13.20
N LYS A 160 -4.68 4.51 12.97
CA LYS A 160 -4.95 5.75 13.67
C LYS A 160 -6.34 6.30 13.36
N LEU A 161 -6.85 5.96 12.18
CA LEU A 161 -8.13 6.50 11.72
C LEU A 161 -9.30 5.54 11.93
N GLN A 162 -9.09 4.46 12.66
CA GLN A 162 -10.15 3.47 12.77
C GLN A 162 -11.38 4.05 13.45
N GLY A 163 -12.55 3.70 12.93
CA GLY A 163 -13.80 4.33 13.38
C GLY A 163 -14.23 5.50 12.52
N LEU A 164 -13.35 5.94 11.61
CA LEU A 164 -13.73 6.94 10.63
C LEU A 164 -14.11 6.30 9.27
N ALA A 165 -14.36 7.10 8.25
CA ALA A 165 -14.85 6.56 6.97
C ALA A 165 -13.66 6.13 6.10
N VAL A 166 -13.01 5.07 6.57
CA VAL A 166 -11.86 4.45 5.91
C VAL A 166 -12.04 2.93 6.06
N PRO A 167 -11.31 2.12 5.27
CA PRO A 167 -11.46 0.65 5.50
C PRO A 167 -10.95 0.24 6.87
N LYS A 168 -11.56 -0.79 7.47
CA LYS A 168 -11.00 -1.41 8.64
C LYS A 168 -9.68 -2.04 8.16
N VAL A 169 -8.65 -1.96 8.97
CA VAL A 169 -7.34 -2.51 8.56
C VAL A 169 -7.02 -3.74 9.37
N TYR A 170 -6.45 -4.76 8.74
CA TYR A 170 -6.34 -6.04 9.44
C TYR A 170 -4.92 -6.47 9.69
N ALA A 171 -4.01 -6.17 8.76
CA ALA A 171 -2.61 -6.65 8.90
C ALA A 171 -1.70 -5.94 7.94
N TRP A 172 -0.41 -5.94 8.25
CA TRP A 172 0.63 -5.45 7.34
C TRP A 172 1.80 -6.44 7.40
N GLU A 173 2.29 -6.85 6.23
CA GLU A 173 3.53 -7.66 6.15
C GLU A 173 4.22 -7.25 4.87
N GLY A 174 5.52 -6.97 4.96
CA GLY A 174 6.32 -6.64 3.76
C GLY A 174 5.71 -5.45 3.05
N ASN A 175 5.39 -5.63 1.76
CA ASN A 175 4.77 -4.56 0.95
C ASN A 175 3.24 -4.66 0.91
N ALA A 176 2.65 -5.50 1.78
CA ALA A 176 1.21 -5.83 1.73
C ALA A 176 0.43 -5.25 2.90
N VAL A 177 -0.73 -4.67 2.59
CA VAL A 177 -1.67 -4.26 3.61
C VAL A 177 -2.98 -4.99 3.36
N LEU A 178 -3.47 -5.67 4.40
CA LEU A 178 -4.72 -6.41 4.37
C LEU A 178 -5.81 -5.53 5.02
N MET A 179 -6.92 -5.31 4.30
CA MET A 179 -7.97 -4.42 4.78
C MET A 179 -9.34 -4.81 4.26
N GLU A 180 -10.37 -4.17 4.78
CA GLU A 180 -11.76 -4.35 4.36
C GLU A 180 -12.02 -4.03 2.88
N LEU A 181 -12.81 -4.89 2.22
CA LEU A 181 -13.28 -4.61 0.87
C LEU A 181 -14.37 -3.58 0.99
N ILE A 182 -14.23 -2.49 0.25
CA ILE A 182 -15.27 -1.46 0.23
C ILE A 182 -16.03 -1.62 -1.07
N ASP A 183 -17.33 -1.91 -0.96
CA ASP A 183 -18.18 -2.04 -2.12
C ASP A 183 -18.64 -0.65 -2.55
N ALA A 184 -17.80 0.03 -3.32
CA ALA A 184 -18.05 1.42 -3.73
C ALA A 184 -17.04 1.79 -4.83
N LYS A 185 -17.41 2.73 -5.69
CA LYS A 185 -16.57 3.03 -6.84
C LYS A 185 -15.88 4.38 -6.62
N GLU A 186 -14.82 4.65 -7.36
CA GLU A 186 -14.10 5.92 -7.23
C GLU A 186 -15.05 7.06 -7.60
N LEU A 187 -14.94 8.15 -6.84
CA LEU A 187 -15.77 9.35 -7.04
C LEU A 187 -15.69 9.78 -8.51
N TYR A 188 -14.48 9.67 -9.08
CA TYR A 188 -14.18 10.00 -10.47
C TYR A 188 -15.21 9.39 -11.46
N ARG A 189 -15.68 8.19 -11.13
CA ARG A 189 -16.58 7.43 -11.99
C ARG A 189 -18.07 7.57 -11.68
N VAL A 190 -18.40 8.30 -10.62
CA VAL A 190 -19.78 8.34 -10.11
C VAL A 190 -20.32 9.77 -10.18
N ARG A 191 -21.37 9.95 -10.97
CA ARG A 191 -22.03 11.25 -11.03
C ARG A 191 -22.95 11.36 -9.82
N VAL A 192 -22.74 12.39 -9.00
CA VAL A 192 -23.60 12.62 -7.83
C VAL A 192 -24.53 13.81 -8.11
N GLU A 193 -25.74 13.74 -7.54
CA GLU A 193 -26.75 14.81 -7.67
C GLU A 193 -26.77 15.77 -6.45
N ASN A 194 -26.02 15.45 -5.40
CA ASN A 194 -25.82 16.40 -4.30
C ASN A 194 -24.33 16.69 -4.08
N PRO A 195 -23.64 17.21 -5.12
CA PRO A 195 -22.17 17.41 -5.02
C PRO A 195 -21.73 18.30 -3.86
N ASP A 196 -22.55 19.28 -3.48
CA ASP A 196 -22.16 20.18 -2.40
C ASP A 196 -22.11 19.43 -1.08
N GLU A 197 -23.11 18.57 -0.85
CA GLU A 197 -23.17 17.74 0.34
C GLU A 197 -22.03 16.72 0.34
N VAL A 198 -21.73 16.13 -0.82
CA VAL A 198 -20.66 15.11 -0.88
C VAL A 198 -19.30 15.79 -0.57
N LEU A 199 -19.07 16.95 -1.17
CA LEU A 199 -17.85 17.70 -0.89
C LEU A 199 -17.75 18.04 0.59
N ASP A 200 -18.84 18.52 1.17
CA ASP A 200 -18.81 18.84 2.58
C ASP A 200 -18.49 17.61 3.45
N MET A 201 -19.00 16.44 3.08
CA MET A 201 -18.72 15.22 3.85
C MET A 201 -17.23 14.84 3.77
N ILE A 202 -16.65 14.97 2.57
CA ILE A 202 -15.21 14.72 2.39
C ILE A 202 -14.42 15.71 3.28
N LEU A 203 -14.77 17.00 3.21
CA LEU A 203 -14.07 18.02 4.02
C LEU A 203 -14.21 17.77 5.50
N GLU A 204 -15.39 17.33 5.94
CA GLU A 204 -15.56 16.95 7.34
C GLU A 204 -14.66 15.76 7.70
N GLU A 205 -14.54 14.79 6.80
CA GLU A 205 -13.64 13.68 7.11
C GLU A 205 -12.19 14.16 7.21
N VAL A 206 -11.79 15.07 6.32
CA VAL A 206 -10.43 15.66 6.36
C VAL A 206 -10.18 16.32 7.72
N ALA A 207 -11.20 17.03 8.22
CA ALA A 207 -11.11 17.67 9.53
C ALA A 207 -10.91 16.62 10.62
N LYS A 208 -11.64 15.50 10.55
CA LYS A 208 -11.48 14.45 11.56
C LYS A 208 -10.10 13.79 11.49
N PHE A 209 -9.59 13.59 10.27
CA PHE A 209 -8.22 13.07 10.12
C PHE A 209 -7.23 14.01 10.86
N TYR A 210 -7.35 15.31 10.56
CA TYR A 210 -6.48 16.32 11.15
C TYR A 210 -6.52 16.30 12.67
N HIS A 211 -7.72 16.16 13.24
CA HIS A 211 -7.91 16.04 14.71
C HIS A 211 -7.15 14.82 15.25
N ARG A 212 -7.11 13.75 14.47
CA ARG A 212 -6.33 12.58 14.86
C ARG A 212 -4.84 12.67 14.52
N GLY A 213 -4.42 13.81 13.99
CA GLY A 213 -3.03 14.08 13.68
C GLY A 213 -2.55 13.50 12.35
N ILE A 214 -3.48 13.28 11.41
CA ILE A 214 -3.10 12.68 10.14
C ILE A 214 -3.48 13.60 8.97
N VAL A 215 -2.55 13.78 8.04
CA VAL A 215 -2.86 14.42 6.75
C VAL A 215 -2.77 13.37 5.64
N HIS A 216 -3.82 13.25 4.84
CA HIS A 216 -3.87 12.23 3.78
C HIS A 216 -2.70 12.34 2.77
N GLY A 217 -2.54 13.51 2.15
CA GLY A 217 -1.40 13.71 1.25
C GLY A 217 -1.64 13.44 -0.22
N ASP A 218 -2.74 12.78 -0.56
CA ASP A 218 -3.08 12.56 -1.97
C ASP A 218 -4.60 12.51 -2.19
N LEU A 219 -5.30 13.46 -1.57
CA LEU A 219 -6.74 13.46 -1.62
C LEU A 219 -7.17 13.87 -3.01
N SER A 220 -8.03 13.04 -3.62
CA SER A 220 -8.46 13.30 -4.98
C SER A 220 -9.70 12.48 -5.32
N GLN A 221 -10.23 12.73 -6.52
CA GLN A 221 -11.36 11.97 -7.06
C GLN A 221 -11.06 10.47 -7.27
N TYR A 222 -9.80 10.08 -7.20
CA TYR A 222 -9.42 8.70 -7.41
C TYR A 222 -9.29 7.97 -6.07
N ASN A 223 -9.20 8.71 -4.98
CA ASN A 223 -8.94 8.14 -3.65
C ASN A 223 -10.12 8.32 -2.68
N VAL A 224 -11.25 8.76 -3.21
CA VAL A 224 -12.48 8.80 -2.44
C VAL A 224 -13.41 7.79 -3.11
N LEU A 225 -14.00 6.90 -2.32
CA LEU A 225 -14.96 5.92 -2.86
C LEU A 225 -16.36 6.34 -2.44
N VAL A 226 -17.35 6.18 -3.31
CA VAL A 226 -18.70 6.60 -2.96
C VAL A 226 -19.74 5.54 -3.33
N SER A 227 -20.77 5.46 -2.49
CA SER A 227 -22.01 4.74 -2.79
C SER A 227 -23.16 5.55 -2.20
N GLU A 228 -24.40 5.12 -2.44
CA GLU A 228 -25.57 5.74 -1.82
C GLU A 228 -25.42 5.76 -0.30
N GLU A 229 -24.63 4.83 0.22
CA GLU A 229 -24.39 4.69 1.66
C GLU A 229 -23.54 5.77 2.32
N GLY A 230 -22.53 6.24 1.60
CA GLY A 230 -21.64 7.26 2.14
C GLY A 230 -20.37 7.27 1.32
N ILE A 231 -19.37 7.97 1.85
CA ILE A 231 -18.09 8.07 1.19
C ILE A 231 -17.08 7.33 2.05
N TRP A 232 -16.05 6.79 1.41
CA TRP A 232 -14.90 6.29 2.15
C TRP A 232 -13.68 6.96 1.55
N ILE A 233 -12.64 7.14 2.36
CA ILE A 233 -11.41 7.66 1.80
C ILE A 233 -10.36 6.55 1.92
N ILE A 234 -9.60 6.33 0.85
CA ILE A 234 -8.59 5.29 0.82
C ILE A 234 -7.23 5.83 0.42
N ASP A 235 -6.21 4.98 0.51
CA ASP A 235 -4.90 5.19 -0.10
C ASP A 235 -4.02 6.13 0.74
N PHE A 236 -3.36 5.56 1.75
CA PHE A 236 -2.60 6.33 2.75
C PHE A 236 -1.06 6.17 2.79
N PRO A 237 -0.40 5.57 1.76
CA PRO A 237 1.05 5.38 2.00
C PRO A 237 1.89 6.67 2.02
N GLN A 238 1.36 7.71 1.40
CA GLN A 238 1.98 9.04 1.36
C GLN A 238 1.52 9.95 2.52
N SER A 239 0.67 9.43 3.42
CA SER A 239 0.18 10.25 4.54
C SER A 239 1.29 10.70 5.49
N VAL A 240 1.07 11.85 6.14
CA VAL A 240 2.01 12.36 7.13
C VAL A 240 1.31 12.69 8.44
N GLU A 241 2.10 12.77 9.52
CA GLU A 241 1.58 13.22 10.79
C GLU A 241 1.64 14.73 10.80
N VAL A 242 0.65 15.34 11.45
CA VAL A 242 0.64 16.77 11.74
C VAL A 242 1.90 17.06 12.57
N GLY A 243 2.66 18.08 12.19
CA GLY A 243 3.94 18.41 12.83
C GLY A 243 5.13 18.06 11.94
N GLU A 244 4.97 17.06 11.09
CA GLU A 244 6.04 16.72 10.13
C GLU A 244 6.23 17.80 9.08
N GLU A 245 7.46 17.92 8.59
CA GLU A 245 7.82 18.99 7.65
C GLU A 245 6.87 19.08 6.45
N GLY A 246 6.31 20.27 6.25
CA GLY A 246 5.41 20.54 5.12
C GLY A 246 3.98 20.06 5.32
N TRP A 247 3.67 19.54 6.51
CA TRP A 247 2.32 18.98 6.75
C TRP A 247 1.21 19.98 6.42
N ARG A 248 1.44 21.27 6.71
CA ARG A 248 0.37 22.25 6.53
C ARG A 248 0.11 22.52 5.07
N GLU A 249 1.16 22.64 4.28
CA GLU A 249 1.05 22.84 2.85
C GLU A 249 0.45 21.61 2.18
N ILE A 250 0.79 20.44 2.73
CA ILE A 250 0.23 19.18 2.20
C ILE A 250 -1.27 19.13 2.47
N LEU A 251 -1.68 19.51 3.68
CA LEU A 251 -3.12 19.55 4.01
C LEU A 251 -3.83 20.55 3.10
N GLU A 252 -3.27 21.76 3.00
CA GLU A 252 -3.82 22.78 2.08
C GLU A 252 -4.01 22.23 0.67
N ARG A 253 -3.02 21.51 0.16
CA ARG A 253 -3.11 20.88 -1.17
C ARG A 253 -4.29 19.90 -1.29
N ASP A 254 -4.46 19.03 -0.30
CA ASP A 254 -5.60 18.06 -0.25
C ASP A 254 -6.94 18.81 -0.41
N VAL A 255 -7.08 19.87 0.39
CA VAL A 255 -8.33 20.66 0.44
C VAL A 255 -8.52 21.39 -0.90
N ARG A 256 -7.45 22.03 -1.38
CA ARG A 256 -7.49 22.73 -2.64
C ARG A 256 -7.82 21.76 -3.77
N ASN A 257 -7.18 20.59 -3.79
CA ASN A 257 -7.36 19.67 -4.90
C ASN A 257 -8.80 19.12 -4.95
N ILE A 258 -9.34 18.76 -3.80
CA ILE A 258 -10.69 18.13 -3.84
C ILE A 258 -11.74 19.21 -4.19
N ILE A 259 -11.56 20.40 -3.65
CA ILE A 259 -12.48 21.50 -4.00
C ILE A 259 -12.43 21.81 -5.49
N THR A 260 -11.22 21.88 -6.05
CA THR A 260 -11.02 22.14 -7.46
C THR A 260 -11.67 21.07 -8.36
N TYR A 261 -11.50 19.80 -7.98
CA TYR A 261 -12.19 18.73 -8.67
C TYR A 261 -13.70 18.99 -8.75
N PHE A 262 -14.29 19.35 -7.61
CA PHE A 262 -15.74 19.61 -7.56
C PHE A 262 -16.10 20.86 -8.35
N SER A 263 -15.23 21.86 -8.31
CA SER A 263 -15.44 23.08 -9.10
C SER A 263 -15.53 22.80 -10.58
N ARG A 264 -14.58 22.04 -11.12
CA ARG A 264 -14.52 21.76 -12.54
C ARG A 264 -15.67 20.84 -12.97
N THR A 265 -15.99 19.89 -12.12
CA THR A 265 -16.95 18.82 -12.47
C THR A 265 -18.39 19.28 -12.31
N TYR A 266 -18.68 19.99 -11.22
CA TYR A 266 -20.04 20.34 -10.81
C TYR A 266 -20.27 21.85 -10.68
N ARG A 267 -19.22 22.64 -10.87
CA ARG A 267 -19.29 24.10 -10.63
C ARG A 267 -19.78 24.44 -9.22
N THR A 268 -19.44 23.59 -8.25
CA THR A 268 -19.69 23.88 -6.87
C THR A 268 -18.93 25.16 -6.49
N GLU A 269 -19.54 25.97 -5.65
CA GLU A 269 -18.93 27.20 -5.19
C GLU A 269 -18.54 26.90 -3.76
N LYS A 270 -17.25 26.87 -3.51
CA LYS A 270 -16.75 26.62 -2.18
C LYS A 270 -15.45 27.37 -2.11
N ASP A 271 -15.34 28.26 -1.13
CA ASP A 271 -14.16 29.08 -0.96
C ASP A 271 -13.02 28.22 -0.39
N ILE A 272 -11.92 28.11 -1.12
CA ILE A 272 -10.81 27.20 -0.73
C ILE A 272 -10.14 27.70 0.56
N ASN A 273 -9.81 28.98 0.60
CA ASN A 273 -9.22 29.56 1.81
C ASN A 273 -10.06 29.39 3.08
N SER A 274 -11.37 29.65 3.00
CA SER A 274 -12.27 29.46 4.13
C SER A 274 -12.33 28.00 4.54
N ALA A 275 -12.34 27.11 3.55
CA ALA A 275 -12.46 25.68 3.85
C ALA A 275 -11.22 25.19 4.62
N ILE A 276 -10.04 25.63 4.18
CA ILE A 276 -8.77 25.35 4.86
C ILE A 276 -8.78 25.92 6.29
N ASP A 277 -9.13 27.21 6.41
CA ASP A 277 -9.17 27.87 7.71
C ASP A 277 -10.15 27.20 8.69
N ARG A 278 -11.31 26.77 8.19
CA ARG A 278 -12.29 26.10 9.05
C ARG A 278 -11.73 24.79 9.60
N ILE A 279 -11.08 24.03 8.72
CA ILE A 279 -10.48 22.77 9.12
C ILE A 279 -9.43 23.02 10.19
N LEU A 280 -8.52 23.97 9.94
CA LEU A 280 -7.36 24.19 10.80
C LEU A 280 -7.66 24.80 12.17
N GLN A 281 -8.78 25.51 12.30
CA GLN A 281 -9.06 26.27 13.54
C GLN A 281 -9.45 25.36 14.68
N GLU A 282 -10.32 24.40 14.40
CA GLU A 282 -10.50 23.26 15.28
C GLU A 282 -10.54 21.98 14.48
MN MN B . -4.66 5.82 -5.28
MN MN C . -1.61 6.15 -4.77
P PO4 D . -3.02 8.21 -7.23
O1 PO4 D . -2.38 7.47 -8.39
O2 PO4 D . -3.17 7.35 -6.01
O3 PO4 D . -2.14 9.38 -6.87
O4 PO4 D . -4.38 8.70 -7.67
PG ATP E . -0.43 3.26 -3.52
O1G ATP E . 1.06 3.21 -3.85
O2G ATP E . -0.93 4.69 -3.40
O3G ATP E . -0.76 2.37 -2.38
PB ATP E . -2.65 2.99 -5.51
O1B ATP E . -2.82 4.47 -5.71
O2B ATP E . -2.84 2.12 -6.71
O3B ATP E . -1.18 2.65 -4.86
PA ATP E . -5.23 2.68 -4.04
O1A ATP E . -5.35 2.49 -2.55
O2A ATP E . -5.75 3.93 -4.66
O3A ATP E . -3.63 2.49 -4.29
O5' ATP E . -5.90 1.40 -4.71
C5' ATP E . -5.99 1.27 -6.13
C4' ATP E . -7.44 0.97 -6.49
O4' ATP E . -7.83 -0.30 -5.96
C3' ATP E . -8.37 1.97 -5.86
O3' ATP E . -8.55 3.15 -6.65
C2' ATP E . -9.65 1.19 -5.65
O2' ATP E . -10.47 1.28 -6.83
C1' ATP E . -9.16 -0.23 -5.44
N9 ATP E . -9.11 -0.45 -3.95
C8 ATP E . -8.05 -0.23 -3.13
N7 ATP E . -8.36 -0.51 -1.85
C5 ATP E . -9.66 -0.88 -1.84
C6 ATP E . -10.61 -1.36 -0.81
N6 ATP E . -10.23 -1.39 0.50
N1 ATP E . -11.88 -1.66 -1.22
C2 ATP E . -12.26 -1.60 -2.52
N3 ATP E . -11.43 -1.21 -3.51
C4 ATP E . -10.14 -0.86 -3.22
C1 EDO F . -13.07 1.59 9.72
O1 EDO F . -12.16 1.85 10.79
C2 EDO F . -14.48 1.65 10.26
O2 EDO F . -14.68 2.95 10.80
#